data_2X0J
#
_entry.id   2X0J
#
_cell.length_a   112.990
_cell.length_b   112.990
_cell.length_c   70.600
_cell.angle_alpha   90.00
_cell.angle_beta   90.00
_cell.angle_gamma   90.00
#
_symmetry.space_group_name_H-M   'P 41 21 2'
#
loop_
_entity.id
_entity.type
_entity.pdbx_description
1 polymer 'MALATE DEHYDROGENASE'
2 non-polymer ETHENO-NAD
3 non-polymer 'SULFATE ION'
4 water water
#
_entity_poly.entity_id   1
_entity_poly.type   'polypeptide(L)'
_entity_poly.pdbx_seq_one_letter_code
;MKLGFVGAGRVGSTSAFTCLLNLDVDEIALVDIAEDLAVGEAMDLAHAAAGIDKYPKIVGGADYSLLKGSEIIVVTAGLA
RKPGMTRLDLAHKNAGIIKDIAKKIVENAPESKILVVTNPMDVMTYIMWKESGKPRNEVFGMGNQLDSQRLKERLYNAGA
RNIRRAWIIGEHGDSMFVAKSLADFDGEVDWEAVENDVRFVAAEVIKRKGATIFGPAVAIYRMVKAVVEDTGEIIPTSMI
LQGEYGIENVAVGVPAKLGKNGAEVADIKLSDEEIEKLRNSAKILRERLEELGY
;
_entity_poly.pdbx_strand_id   A
#
loop_
_chem_comp.id
_chem_comp.type
_chem_comp.name
_chem_comp.formula
ENA RNA linking ETHENO-NAD 'C23 H27 N7 O14 P2'
SO4 non-polymer 'SULFATE ION' 'O4 S -2'
#
# COMPACT_ATOMS: atom_id res chain seq x y z
N MET A 1 -8.25 -19.52 0.11
CA MET A 1 -7.64 -18.19 0.11
C MET A 1 -7.04 -17.89 1.46
N LYS A 2 -5.71 -17.80 1.53
CA LYS A 2 -5.06 -17.45 2.78
C LYS A 2 -4.51 -16.03 2.66
N LEU A 3 -4.66 -15.25 3.71
CA LEU A 3 -4.08 -13.89 3.76
C LEU A 3 -2.96 -13.79 4.79
N GLY A 4 -1.86 -13.15 4.43
CA GLY A 4 -0.78 -12.98 5.38
C GLY A 4 -0.65 -11.53 5.77
N PHE A 5 -0.41 -11.25 7.05
CA PHE A 5 -0.05 -9.90 7.48
C PHE A 5 1.21 -9.94 8.30
N VAL A 6 2.20 -9.18 7.88
CA VAL A 6 3.36 -8.99 8.72
C VAL A 6 3.24 -7.62 9.32
N GLY A 7 3.02 -7.61 10.63
CA GLY A 7 2.66 -6.41 11.36
C GLY A 7 1.21 -6.43 11.81
N ALA A 8 0.99 -6.64 13.11
CA ALA A 8 -0.36 -6.71 13.66
C ALA A 8 -0.73 -5.40 14.36
N GLY A 9 -0.08 -4.32 13.92
CA GLY A 9 -0.29 -3.03 14.56
C GLY A 9 -1.63 -2.43 14.21
N ARG A 10 -1.70 -1.10 14.25
CA ARG A 10 -2.96 -0.45 13.96
C ARG A 10 -3.41 -0.79 12.54
N VAL A 11 -2.57 -0.50 11.56
CA VAL A 11 -2.97 -0.66 10.16
C VAL A 11 -3.07 -2.14 9.76
N GLY A 12 -2.10 -2.94 10.17
CA GLY A 12 -2.17 -4.37 9.90
C GLY A 12 -3.48 -5.03 10.30
N SER A 13 -3.82 -4.99 11.59
CA SER A 13 -5.03 -5.63 12.10
C SER A 13 -6.32 -5.02 11.51
N THR A 14 -6.40 -3.70 11.42
CA THR A 14 -7.59 -3.06 10.87
C THR A 14 -7.81 -3.43 9.39
N SER A 15 -6.75 -3.41 8.58
CA SER A 15 -6.91 -3.82 7.20
C SER A 15 -7.35 -5.30 7.11
N ALA A 16 -6.78 -6.17 7.95
CA ALA A 16 -7.23 -7.56 7.99
C ALA A 16 -8.70 -7.68 8.38
N PHE A 17 -9.10 -6.98 9.43
CA PHE A 17 -10.49 -6.86 9.81
C PHE A 17 -11.32 -6.57 8.57
N THR A 18 -10.90 -5.54 7.83
CA THR A 18 -11.67 -5.11 6.66
C THR A 18 -11.82 -6.24 5.67
N CYS A 19 -10.74 -6.98 5.46
CA CYS A 19 -10.79 -8.09 4.52
C CYS A 19 -11.76 -9.15 5.03
N LEU A 20 -11.72 -9.39 6.33
CA LEU A 20 -12.61 -10.33 6.94
C LEU A 20 -14.08 -9.95 6.71
N LEU A 21 -14.37 -8.66 6.73
CA LEU A 21 -15.75 -8.20 6.58
C LEU A 21 -16.24 -8.38 5.17
N ASN A 22 -15.29 -8.35 4.22
CA ASN A 22 -15.65 -8.22 2.83
C ASN A 22 -15.04 -9.22 1.85
N LEU A 23 -14.43 -10.28 2.37
CA LEU A 23 -13.81 -11.28 1.51
C LEU A 23 -14.08 -12.70 1.97
N ASP A 24 -14.15 -13.64 1.03
CA ASP A 24 -14.33 -15.04 1.38
C ASP A 24 -13.01 -15.67 1.76
N VAL A 25 -12.56 -15.37 2.98
CA VAL A 25 -11.24 -15.75 3.44
C VAL A 25 -11.31 -17.05 4.21
N ASP A 26 -10.42 -17.98 3.90
CA ASP A 26 -10.39 -19.24 4.60
C ASP A 26 -9.43 -19.21 5.78
N GLU A 27 -8.25 -18.65 5.57
CA GLU A 27 -7.29 -18.51 6.65
C GLU A 27 -6.67 -17.10 6.69
N ILE A 28 -6.39 -16.61 7.89
CA ILE A 28 -5.74 -15.32 8.07
C ILE A 28 -4.55 -15.53 8.98
N ALA A 29 -3.37 -15.08 8.55
CA ALA A 29 -2.16 -15.25 9.35
C ALA A 29 -1.55 -13.91 9.74
N LEU A 30 -1.30 -13.74 11.03
CA LEU A 30 -0.74 -12.49 11.53
C LEU A 30 0.60 -12.74 12.22
N VAL A 31 1.64 -12.19 11.63
CA VAL A 31 2.98 -12.31 12.18
C VAL A 31 3.50 -10.95 12.60
N ASP A 32 3.99 -10.85 13.83
CA ASP A 32 4.48 -9.59 14.36
C ASP A 32 5.61 -9.88 15.31
N ILE A 33 6.58 -8.98 15.38
CA ILE A 33 7.69 -9.14 16.30
C ILE A 33 7.17 -9.29 17.76
N ALA A 34 6.07 -8.61 18.07
CA ALA A 34 5.41 -8.75 19.37
C ALA A 34 4.42 -9.90 19.27
N GLU A 35 4.71 -11.01 19.95
CA GLU A 35 3.88 -12.19 19.79
C GLU A 35 2.51 -11.97 20.37
N ASP A 36 2.44 -11.64 21.65
CA ASP A 36 1.13 -11.59 22.30
C ASP A 36 0.18 -10.67 21.56
N LEU A 37 0.72 -9.65 20.91
CA LEU A 37 -0.11 -8.75 20.15
C LEU A 37 -0.69 -9.45 18.93
N ALA A 38 0.16 -10.14 18.17
CA ALA A 38 -0.31 -10.86 17.00
C ALA A 38 -1.42 -11.81 17.44
N VAL A 39 -1.15 -12.54 18.51
CA VAL A 39 -2.08 -13.53 19.05
C VAL A 39 -3.39 -12.89 19.51
N GLY A 40 -3.27 -11.78 20.22
CA GLY A 40 -4.43 -11.12 20.76
C GLY A 40 -5.29 -10.53 19.65
N GLU A 41 -4.64 -10.17 18.55
CA GLU A 41 -5.37 -9.59 17.44
C GLU A 41 -6.09 -10.73 16.73
N ALA A 42 -5.46 -11.90 16.71
CA ALA A 42 -6.04 -13.04 16.01
C ALA A 42 -7.30 -13.51 16.73
N MET A 43 -7.29 -13.42 18.06
CA MET A 43 -8.43 -13.83 18.86
C MET A 43 -9.58 -12.88 18.63
N ASP A 44 -9.30 -11.58 18.75
CA ASP A 44 -10.32 -10.55 18.58
C ASP A 44 -10.96 -10.67 17.21
N LEU A 45 -10.13 -10.85 16.19
CA LEU A 45 -10.63 -10.93 14.83
C LEU A 45 -11.59 -12.10 14.65
N ALA A 46 -11.33 -13.20 15.34
CA ALA A 46 -12.19 -14.37 15.22
C ALA A 46 -13.52 -14.09 15.90
N HIS A 47 -13.48 -13.51 17.09
CA HIS A 47 -14.71 -13.12 17.78
C HIS A 47 -15.53 -12.25 16.84
N ALA A 48 -14.86 -11.38 16.10
CA ALA A 48 -15.56 -10.54 15.14
C ALA A 48 -16.20 -11.40 14.09
N ALA A 49 -15.40 -12.31 13.53
CA ALA A 49 -15.84 -13.12 12.39
C ALA A 49 -17.15 -13.82 12.66
N ALA A 50 -17.28 -14.42 13.84
CA ALA A 50 -18.47 -15.17 14.20
C ALA A 50 -19.74 -14.31 14.12
N GLY A 51 -19.59 -12.99 14.18
CA GLY A 51 -20.75 -12.09 14.15
C GLY A 51 -21.33 -11.87 12.78
N ILE A 52 -20.59 -12.30 11.76
CA ILE A 52 -21.13 -12.38 10.42
C ILE A 52 -21.04 -13.81 9.95
N ASP A 53 -21.08 -14.72 10.92
CA ASP A 53 -21.22 -16.13 10.62
C ASP A 53 -20.15 -16.55 9.63
N LYS A 54 -18.93 -16.12 9.91
CA LYS A 54 -17.72 -16.57 9.23
C LYS A 54 -16.80 -17.24 10.26
N TYR A 55 -16.14 -18.31 9.86
CA TYR A 55 -15.32 -19.08 10.79
C TYR A 55 -13.96 -19.53 10.22
N PRO A 56 -13.26 -18.63 9.53
CA PRO A 56 -11.93 -18.94 8.98
C PRO A 56 -10.93 -19.27 10.07
N LYS A 57 -9.85 -19.95 9.69
CA LYS A 57 -8.75 -20.25 10.61
C LYS A 57 -7.91 -18.99 10.73
N ILE A 58 -7.98 -18.33 11.88
CA ILE A 58 -7.21 -17.11 12.09
C ILE A 58 -6.16 -17.30 13.17
N VAL A 59 -4.91 -17.17 12.76
CA VAL A 59 -3.80 -17.48 13.63
C VAL A 59 -2.87 -16.28 13.66
N GLY A 60 -2.33 -16.00 14.83
CA GLY A 60 -1.42 -14.89 15.00
C GLY A 60 -0.24 -15.34 15.83
N GLY A 61 0.93 -14.82 15.53
CA GLY A 61 2.11 -15.17 16.28
C GLY A 61 3.35 -14.42 15.82
N ALA A 62 4.50 -14.85 16.31
CA ALA A 62 5.75 -14.21 15.94
C ALA A 62 6.60 -15.09 15.04
N ASP A 63 6.06 -16.23 14.61
CA ASP A 63 6.80 -17.11 13.71
C ASP A 63 6.30 -17.10 12.27
N TYR A 64 7.23 -16.80 11.36
CA TYR A 64 6.90 -16.50 9.98
C TYR A 64 6.33 -17.68 9.19
N SER A 65 6.54 -18.87 9.71
CA SER A 65 5.99 -20.06 9.05
C SER A 65 4.48 -19.97 8.94
N LEU A 66 3.85 -19.23 9.85
CA LEU A 66 2.41 -19.02 9.81
C LEU A 66 1.95 -18.57 8.43
N LEU A 67 2.89 -17.99 7.67
CA LEU A 67 2.56 -17.41 6.37
C LEU A 67 2.48 -18.40 5.20
N LYS A 68 2.93 -19.64 5.38
CA LYS A 68 2.92 -20.62 4.29
C LYS A 68 1.54 -20.63 3.65
N GLY A 69 1.52 -20.58 2.33
CA GLY A 69 0.27 -20.61 1.61
C GLY A 69 -0.37 -19.27 1.25
N SER A 70 -0.03 -18.21 1.99
CA SER A 70 -0.65 -16.91 1.76
C SER A 70 -0.63 -16.53 0.28
N GLU A 71 -1.81 -16.38 -0.30
CA GLU A 71 -1.92 -15.98 -1.68
C GLU A 71 -1.23 -14.62 -1.87
N ILE A 72 -1.25 -13.83 -0.79
CA ILE A 72 -0.72 -12.47 -0.76
C ILE A 72 -0.46 -12.09 0.69
N ILE A 73 0.49 -11.18 0.92
CA ILE A 73 0.88 -10.79 2.29
C ILE A 73 1.00 -9.28 2.45
N VAL A 74 0.18 -8.70 3.33
CA VAL A 74 0.27 -7.26 3.61
C VAL A 74 1.33 -6.97 4.68
N VAL A 75 2.35 -6.20 4.29
CA VAL A 75 3.46 -5.87 5.19
C VAL A 75 3.35 -4.45 5.73
N THR A 76 2.94 -4.32 6.99
CA THR A 76 2.79 -3.01 7.60
C THR A 76 3.83 -2.79 8.69
N ALA A 77 4.66 -3.82 8.91
CA ALA A 77 5.61 -3.84 10.01
C ALA A 77 6.57 -2.68 9.90
N GLY A 78 6.90 -2.08 11.03
CA GLY A 78 7.87 -0.99 11.07
C GLY A 78 7.80 -0.15 12.32
N LEU A 79 8.34 1.06 12.23
CA LEU A 79 8.46 1.91 13.38
C LEU A 79 7.74 3.24 13.26
N ALA A 80 7.72 3.97 14.39
CA ALA A 80 7.27 5.36 14.47
C ALA A 80 8.52 6.23 14.66
N ARG A 81 8.36 7.42 15.22
CA ARG A 81 9.53 8.24 15.56
C ARG A 81 9.79 8.30 17.07
N LYS A 82 10.60 9.30 17.43
CA LYS A 82 10.74 9.81 18.79
C LYS A 82 10.60 11.34 18.71
N PRO A 83 9.68 11.81 17.84
CA PRO A 83 9.61 13.10 17.15
C PRO A 83 10.87 13.97 17.15
N GLY A 84 11.94 13.44 17.73
CA GLY A 84 13.28 13.96 17.56
C GLY A 84 14.10 12.85 16.93
N MET A 85 13.73 12.47 15.71
CA MET A 85 14.36 11.35 15.00
C MET A 85 14.88 11.64 13.59
N THR A 86 13.97 12.00 12.67
CA THR A 86 14.27 12.36 11.26
C THR A 86 13.80 11.31 10.27
N ARG A 87 13.25 11.76 9.15
CA ARG A 87 12.83 10.87 8.08
C ARG A 87 13.94 9.89 7.72
N LEU A 88 15.15 10.39 7.53
CA LEU A 88 16.26 9.51 7.18
C LEU A 88 16.52 8.42 8.22
N ASP A 89 16.63 8.82 9.49
CA ASP A 89 16.93 7.85 10.55
C ASP A 89 15.95 6.69 10.49
N LEU A 90 14.67 7.03 10.34
CA LEU A 90 13.60 6.05 10.23
C LEU A 90 13.73 5.17 8.98
N ALA A 91 13.94 5.81 7.83
CA ALA A 91 14.17 5.06 6.59
C ALA A 91 15.23 3.97 6.78
N HIS A 92 16.33 4.30 7.44
CA HIS A 92 17.32 3.28 7.75
C HIS A 92 16.72 2.20 8.64
N LYS A 93 16.12 2.61 9.76
CA LYS A 93 15.55 1.64 10.69
C LYS A 93 14.57 0.72 9.97
N ASN A 94 13.67 1.30 9.20
CA ASN A 94 12.65 0.49 8.55
C ASN A 94 13.22 -0.32 7.42
N ALA A 95 14.18 0.25 6.68
CA ALA A 95 14.81 -0.50 5.61
C ALA A 95 15.36 -1.81 6.17
N GLY A 96 15.89 -1.77 7.39
CA GLY A 96 16.43 -2.99 7.98
C GLY A 96 15.32 -4.01 8.17
N ILE A 97 14.23 -3.54 8.75
CA ILE A 97 13.05 -4.35 8.96
C ILE A 97 12.54 -4.94 7.63
N ILE A 98 12.42 -4.13 6.59
CA ILE A 98 11.95 -4.68 5.32
C ILE A 98 12.89 -5.74 4.74
N LYS A 99 14.19 -5.49 4.76
CA LYS A 99 15.15 -6.49 4.33
C LYS A 99 14.86 -7.78 5.10
N ASP A 100 14.89 -7.70 6.42
CA ASP A 100 14.72 -8.89 7.23
C ASP A 100 13.43 -9.64 6.87
N ILE A 101 12.36 -8.89 6.61
CA ILE A 101 11.09 -9.50 6.27
C ILE A 101 11.13 -10.17 4.91
N ALA A 102 11.64 -9.45 3.91
CA ALA A 102 11.78 -10.00 2.57
C ALA A 102 12.35 -11.42 2.64
N LYS A 103 13.46 -11.59 3.34
CA LYS A 103 14.06 -12.93 3.46
C LYS A 103 13.02 -13.91 4.00
N LYS A 104 12.54 -13.61 5.20
CA LYS A 104 11.54 -14.43 5.88
C LYS A 104 10.38 -14.85 4.96
N ILE A 105 9.76 -13.90 4.27
CA ILE A 105 8.66 -14.19 3.34
C ILE A 105 9.06 -15.14 2.22
N VAL A 106 10.29 -15.02 1.74
CA VAL A 106 10.82 -15.83 0.64
C VAL A 106 11.05 -17.27 1.08
N GLU A 107 11.46 -17.44 2.33
CA GLU A 107 11.74 -18.76 2.84
C GLU A 107 10.58 -19.35 3.64
N ASN A 108 9.39 -18.81 3.44
CA ASN A 108 8.18 -19.36 4.08
C ASN A 108 6.98 -19.37 3.13
N ALA A 109 6.80 -18.26 2.41
CA ALA A 109 5.76 -18.17 1.38
C ALA A 109 6.36 -17.67 0.07
N PRO A 110 7.37 -18.39 -0.44
CA PRO A 110 8.18 -18.04 -1.61
C PRO A 110 7.39 -17.71 -2.87
N GLU A 111 6.09 -17.99 -2.87
CA GLU A 111 5.30 -17.87 -4.09
C GLU A 111 4.18 -16.84 -3.94
N SER A 112 4.13 -16.20 -2.77
CA SER A 112 3.07 -15.26 -2.49
C SER A 112 3.35 -13.89 -3.08
N LYS A 113 2.30 -13.16 -3.45
CA LYS A 113 2.44 -11.76 -3.86
C LYS A 113 2.68 -10.96 -2.58
N ILE A 114 3.27 -9.78 -2.71
CA ILE A 114 3.56 -8.97 -1.51
C ILE A 114 3.11 -7.52 -1.62
N LEU A 115 2.23 -7.11 -0.71
CA LEU A 115 1.79 -5.73 -0.66
C LEU A 115 2.58 -4.95 0.39
N VAL A 116 3.34 -3.98 -0.05
CA VAL A 116 4.17 -3.22 0.86
C VAL A 116 3.40 -1.99 1.31
N VAL A 117 3.35 -1.74 2.61
CA VAL A 117 2.62 -0.58 3.14
C VAL A 117 3.49 0.34 3.99
N THR A 118 4.46 -0.24 4.69
CA THR A 118 5.40 0.48 5.53
C THR A 118 5.97 1.72 4.87
N ASN A 119 5.95 2.84 5.58
CA ASN A 119 6.48 4.10 5.05
C ASN A 119 7.99 4.26 5.29
N PRO A 120 8.70 4.93 4.35
CA PRO A 120 8.22 5.55 3.10
C PRO A 120 7.91 4.53 2.04
N MET A 121 6.63 4.39 1.74
CA MET A 121 6.15 3.26 0.96
C MET A 121 6.90 3.02 -0.36
N ASP A 122 7.07 4.04 -1.19
CA ASP A 122 7.67 3.78 -2.50
C ASP A 122 9.07 3.23 -2.37
N VAL A 123 9.73 3.59 -1.28
CA VAL A 123 11.12 3.24 -1.10
C VAL A 123 11.19 1.86 -0.50
N MET A 124 10.25 1.58 0.37
CA MET A 124 10.22 0.29 1.01
C MET A 124 9.79 -0.79 0.00
N THR A 125 8.82 -0.48 -0.85
CA THR A 125 8.42 -1.48 -1.84
C THR A 125 9.63 -1.81 -2.73
N TYR A 126 10.44 -0.81 -3.08
CA TYR A 126 11.61 -1.08 -3.93
C TYR A 126 12.61 -1.99 -3.24
N ILE A 127 12.86 -1.71 -1.96
CA ILE A 127 13.81 -2.48 -1.16
C ILE A 127 13.30 -3.90 -0.94
N MET A 128 11.98 -4.05 -0.94
CA MET A 128 11.40 -5.37 -0.79
C MET A 128 11.62 -6.17 -2.07
N TRP A 129 11.38 -5.55 -3.22
CA TRP A 129 11.53 -6.24 -4.50
C TRP A 129 12.99 -6.59 -4.78
N LYS A 130 13.89 -5.73 -4.32
CA LYS A 130 15.29 -5.97 -4.52
C LYS A 130 15.74 -7.09 -3.59
N GLU A 131 15.34 -7.04 -2.32
CA GLU A 131 15.88 -7.97 -1.32
C GLU A 131 15.29 -9.38 -1.39
N SER A 132 14.22 -9.54 -2.16
CA SER A 132 13.65 -10.85 -2.43
C SER A 132 13.85 -11.18 -3.90
N GLY A 133 14.09 -12.44 -4.20
CA GLY A 133 14.38 -12.79 -5.58
C GLY A 133 13.30 -12.28 -6.52
N LYS A 134 12.13 -11.99 -5.96
CA LYS A 134 10.88 -11.84 -6.72
C LYS A 134 10.87 -10.89 -7.92
N PRO A 135 10.03 -11.23 -8.93
CA PRO A 135 9.75 -10.46 -10.15
C PRO A 135 8.99 -9.20 -9.77
N ARG A 136 8.96 -8.22 -10.65
CA ARG A 136 8.31 -6.96 -10.29
C ARG A 136 6.80 -7.05 -10.27
N ASN A 137 6.26 -8.22 -10.61
CA ASN A 137 4.80 -8.43 -10.58
C ASN A 137 4.29 -8.97 -9.24
N GLU A 138 5.21 -9.41 -8.40
CA GLU A 138 4.82 -10.02 -7.14
C GLU A 138 5.08 -9.09 -5.96
N VAL A 139 5.66 -7.91 -6.24
CA VAL A 139 5.95 -6.92 -5.20
C VAL A 139 5.53 -5.53 -5.63
N PHE A 140 4.70 -4.88 -4.82
CA PHE A 140 4.16 -3.56 -5.14
C PHE A 140 3.63 -2.89 -3.88
N GLY A 141 3.26 -1.62 -3.96
CA GLY A 141 2.93 -0.89 -2.76
C GLY A 141 1.57 -0.25 -2.74
N MET A 142 1.02 -0.13 -1.55
CA MET A 142 -0.22 0.61 -1.34
C MET A 142 0.14 2.06 -1.06
N GLY A 143 -0.46 2.98 -1.80
CA GLY A 143 -0.24 4.38 -1.56
C GLY A 143 -1.23 5.26 -2.28
N ASN A 144 -1.02 5.39 -3.59
CA ASN A 144 -1.82 6.30 -4.39
C ASN A 144 -3.31 6.03 -4.29
N GLN A 145 -3.68 4.75 -4.23
CA GLN A 145 -5.06 4.37 -3.93
C GLN A 145 -5.58 5.20 -2.74
N LEU A 146 -4.87 5.16 -1.59
CA LEU A 146 -5.26 5.97 -0.43
C LEU A 146 -5.32 7.44 -0.79
N ASP A 147 -4.28 7.94 -1.47
CA ASP A 147 -4.26 9.36 -1.85
C ASP A 147 -5.47 9.67 -2.72
N SER A 148 -5.85 8.70 -3.55
CA SER A 148 -6.93 8.88 -4.49
C SER A 148 -8.27 8.99 -3.78
N GLN A 149 -8.48 8.09 -2.83
CA GLN A 149 -9.69 8.10 -2.00
C GLN A 149 -9.87 9.49 -1.41
N ARG A 150 -8.81 9.98 -0.78
CA ARG A 150 -8.82 11.31 -0.23
C ARG A 150 -9.19 12.33 -1.31
N LEU A 151 -8.64 12.12 -2.51
CA LEU A 151 -8.94 12.99 -3.63
C LEU A 151 -10.42 13.00 -3.93
N LYS A 152 -10.99 11.81 -4.08
CA LYS A 152 -12.39 11.70 -4.44
C LYS A 152 -13.25 12.37 -3.38
N GLU A 153 -12.81 12.30 -2.13
CA GLU A 153 -13.57 12.89 -1.04
C GLU A 153 -13.60 14.41 -1.15
N ARG A 154 -12.48 15.02 -1.52
CA ARG A 154 -12.45 16.48 -1.67
C ARG A 154 -13.19 16.90 -2.92
N LEU A 155 -13.20 16.03 -3.92
CA LEU A 155 -13.97 16.30 -5.12
C LEU A 155 -15.48 16.30 -4.87
N TYR A 156 -15.99 15.29 -4.17
CA TYR A 156 -17.42 15.23 -3.89
C TYR A 156 -17.78 16.42 -3.00
N ASN A 157 -16.85 16.79 -2.14
CA ASN A 157 -17.05 17.95 -1.29
C ASN A 157 -17.16 19.21 -2.13
N ALA A 158 -16.50 19.19 -3.29
CA ALA A 158 -16.49 20.35 -4.18
C ALA A 158 -17.59 20.28 -5.25
N GLY A 159 -18.60 19.46 -5.01
CA GLY A 159 -19.79 19.45 -5.84
C GLY A 159 -19.82 18.35 -6.89
N ALA A 160 -18.67 17.76 -7.18
CA ALA A 160 -18.56 16.75 -8.22
C ALA A 160 -19.39 15.50 -7.92
N ARG A 161 -20.08 14.97 -8.92
CA ARG A 161 -20.80 13.72 -8.74
C ARG A 161 -20.41 12.74 -9.80
N ASN A 162 -20.92 11.51 -9.68
CA ASN A 162 -20.62 10.47 -10.65
C ASN A 162 -19.14 10.51 -10.96
N ILE A 163 -18.35 10.23 -9.95
CA ILE A 163 -16.92 10.30 -10.05
C ILE A 163 -16.39 8.92 -10.34
N ARG A 164 -16.35 8.54 -11.61
CA ARG A 164 -15.57 7.37 -11.97
C ARG A 164 -14.23 7.92 -12.38
N ARG A 165 -13.20 7.33 -11.82
CA ARG A 165 -11.83 7.76 -12.01
C ARG A 165 -11.51 9.18 -11.60
N ALA A 166 -10.79 9.26 -10.49
CA ALA A 166 -10.00 10.43 -10.13
C ALA A 166 -8.78 9.83 -9.46
N TRP A 167 -7.60 10.10 -10.00
CA TRP A 167 -6.42 9.42 -9.51
C TRP A 167 -5.32 10.35 -9.11
N ILE A 168 -4.57 9.91 -8.12
CA ILE A 168 -3.32 10.54 -7.79
C ILE A 168 -2.23 9.52 -8.05
N ILE A 169 -1.13 9.99 -8.63
CA ILE A 169 -0.01 9.10 -8.90
C ILE A 169 1.28 9.76 -8.47
N GLY A 170 2.41 9.11 -8.74
CA GLY A 170 3.71 9.60 -8.32
C GLY A 170 4.08 9.14 -6.92
N GLU A 171 5.05 9.82 -6.32
CA GLU A 171 5.44 9.54 -4.95
C GLU A 171 4.21 9.65 -4.06
N HIS A 172 3.98 8.62 -3.25
CA HIS A 172 3.09 8.71 -2.09
C HIS A 172 3.78 9.63 -1.07
N GLY A 173 3.69 10.93 -1.29
CA GLY A 173 4.45 11.89 -0.50
C GLY A 173 4.36 13.28 -1.09
N ASP A 174 5.20 14.20 -0.61
CA ASP A 174 5.08 15.60 -1.00
C ASP A 174 5.00 15.73 -2.51
N SER A 175 5.75 14.87 -3.19
CA SER A 175 5.98 14.93 -4.63
C SER A 175 4.83 14.38 -5.47
N MET A 176 3.68 14.14 -4.85
CA MET A 176 2.57 13.53 -5.56
C MET A 176 1.84 14.53 -6.42
N PHE A 177 1.05 14.04 -7.36
CA PHE A 177 0.28 14.89 -8.26
C PHE A 177 -0.96 14.20 -8.76
N VAL A 178 -1.96 15.00 -9.10
CA VAL A 178 -3.20 14.49 -9.69
C VAL A 178 -2.97 14.24 -11.16
N ALA A 179 -3.56 13.17 -11.68
CA ALA A 179 -3.52 12.91 -13.10
C ALA A 179 -4.71 13.60 -13.80
N LYS A 180 -4.72 14.93 -13.79
CA LYS A 180 -5.82 15.72 -14.35
C LYS A 180 -6.36 15.12 -15.63
N SER A 181 -5.47 14.65 -16.50
CA SER A 181 -5.90 14.18 -17.80
C SER A 181 -6.92 13.03 -17.70
N LEU A 182 -6.70 12.11 -16.77
CA LEU A 182 -7.52 10.92 -16.70
C LEU A 182 -8.80 11.14 -15.90
N ALA A 183 -8.90 12.29 -15.23
CA ALA A 183 -10.05 12.61 -14.40
C ALA A 183 -11.36 12.68 -15.19
N ASP A 184 -12.37 11.99 -14.69
CA ASP A 184 -13.65 11.98 -15.33
C ASP A 184 -14.76 12.11 -14.30
N PHE A 185 -15.57 13.15 -14.43
CA PHE A 185 -16.72 13.33 -13.56
C PHE A 185 -17.54 14.57 -13.91
N ASP A 186 -18.82 14.53 -13.52
CA ASP A 186 -19.74 15.63 -13.76
C ASP A 186 -19.54 16.73 -12.73
N GLY A 187 -19.54 17.98 -13.17
CA GLY A 187 -19.31 19.11 -12.28
C GLY A 187 -17.94 19.73 -12.50
N GLU A 188 -17.83 21.02 -12.19
CA GLU A 188 -16.56 21.74 -12.36
C GLU A 188 -15.97 22.03 -10.99
N VAL A 189 -14.64 21.87 -10.88
CA VAL A 189 -13.97 22.01 -9.59
C VAL A 189 -12.94 23.16 -9.54
N ASP A 190 -11.76 22.85 -9.03
CA ASP A 190 -10.71 23.84 -8.80
C ASP A 190 -9.46 23.08 -8.37
N TRP A 191 -8.83 22.41 -9.33
CA TRP A 191 -7.64 21.60 -9.08
C TRP A 191 -6.60 22.25 -8.18
N GLU A 192 -6.60 23.58 -8.17
CA GLU A 192 -5.76 24.30 -7.25
C GLU A 192 -6.06 23.81 -5.85
N ALA A 193 -7.19 24.26 -5.34
CA ALA A 193 -7.62 23.93 -4.00
C ALA A 193 -7.46 22.44 -3.71
N VAL A 194 -8.10 21.61 -4.54
CA VAL A 194 -8.14 20.18 -4.27
C VAL A 194 -6.74 19.59 -4.11
N GLU A 195 -5.93 19.62 -5.18
CA GLU A 195 -4.62 18.98 -5.15
C GLU A 195 -3.82 19.34 -3.92
N ASN A 196 -4.07 20.54 -3.40
CA ASN A 196 -3.33 21.03 -2.27
C ASN A 196 -3.88 20.51 -0.95
N ASP A 197 -5.20 20.57 -0.79
CA ASP A 197 -5.86 19.93 0.35
C ASP A 197 -5.30 18.53 0.54
N VAL A 198 -5.06 17.85 -0.55
CA VAL A 198 -4.66 16.47 -0.45
C VAL A 198 -3.24 16.24 0.08
N ARG A 199 -2.25 17.07 -0.29
CA ARG A 199 -0.89 16.72 0.15
C ARG A 199 -0.75 16.61 1.67
N PHE A 200 -1.40 17.48 2.43
CA PHE A 200 -1.35 17.20 3.85
C PHE A 200 -2.70 17.04 4.52
N VAL A 201 -3.50 16.09 4.06
CA VAL A 201 -4.61 15.62 4.88
C VAL A 201 -4.04 14.60 5.83
N ALA A 202 -3.26 13.68 5.27
CA ALA A 202 -2.57 12.70 6.06
C ALA A 202 -2.13 13.35 7.37
N ALA A 203 -1.37 14.43 7.24
CA ALA A 203 -0.78 15.07 8.41
C ALA A 203 -1.84 15.63 9.35
N GLU A 204 -2.92 16.16 8.77
CA GLU A 204 -3.99 16.73 9.57
C GLU A 204 -4.68 15.66 10.38
N VAL A 205 -4.76 14.47 9.80
CA VAL A 205 -5.41 13.35 10.48
C VAL A 205 -4.51 12.85 11.59
N ILE A 206 -3.22 12.77 11.29
CA ILE A 206 -2.26 12.30 12.28
C ILE A 206 -2.18 13.23 13.50
N LYS A 207 -2.28 14.53 13.23
CA LYS A 207 -2.31 15.55 14.27
C LYS A 207 -3.44 15.29 15.27
N ARG A 208 -4.63 15.00 14.74
CA ARG A 208 -5.84 14.93 15.54
C ARG A 208 -6.10 13.56 16.14
N LYS A 209 -6.09 12.54 15.28
CA LYS A 209 -6.49 11.19 15.66
C LYS A 209 -5.33 10.32 16.14
N GLY A 210 -4.09 10.67 15.78
CA GLY A 210 -2.93 9.87 16.16
C GLY A 210 -2.21 9.21 15.00
N ALA A 211 -2.99 8.61 14.11
CA ALA A 211 -2.46 7.89 12.96
C ALA A 211 -3.52 7.86 11.88
N THR A 212 -3.12 7.55 10.65
CA THR A 212 -4.07 7.26 9.59
C THR A 212 -4.33 5.76 9.70
N ILE A 213 -5.59 5.39 9.90
CA ILE A 213 -5.91 3.96 10.04
C ILE A 213 -6.96 3.44 9.06
N PHE A 214 -8.18 3.94 9.14
CA PHE A 214 -9.28 3.40 8.33
C PHE A 214 -9.12 3.65 6.83
N GLY A 215 -8.74 4.86 6.46
CA GLY A 215 -8.40 5.15 5.07
C GLY A 215 -7.46 4.10 4.49
N PRO A 216 -6.27 3.99 5.06
CA PRO A 216 -5.30 2.98 4.62
C PRO A 216 -5.88 1.58 4.61
N ALA A 217 -6.73 1.25 5.58
CA ALA A 217 -7.21 -0.12 5.69
C ALA A 217 -8.03 -0.49 4.47
N VAL A 218 -8.99 0.37 4.14
CA VAL A 218 -9.82 0.19 2.94
C VAL A 218 -9.01 0.11 1.64
N ALA A 219 -8.02 1.00 1.49
CA ALA A 219 -7.22 1.00 0.27
C ALA A 219 -6.50 -0.33 0.16
N ILE A 220 -5.91 -0.79 1.25
CA ILE A 220 -5.31 -2.12 1.26
C ILE A 220 -6.32 -3.20 0.87
N TYR A 221 -7.55 -3.06 1.33
CA TYR A 221 -8.56 -4.07 1.04
C TYR A 221 -8.82 -4.10 -0.46
N ARG A 222 -9.08 -2.93 -1.04
CA ARG A 222 -9.39 -2.85 -2.46
C ARG A 222 -8.28 -3.46 -3.30
N MET A 223 -7.03 -3.30 -2.84
CA MET A 223 -5.93 -3.90 -3.59
C MET A 223 -5.91 -5.42 -3.42
N VAL A 224 -6.11 -5.91 -2.20
CA VAL A 224 -6.20 -7.34 -1.94
C VAL A 224 -7.35 -8.00 -2.71
N LYS A 225 -8.53 -7.38 -2.65
CA LYS A 225 -9.67 -7.82 -3.43
C LYS A 225 -9.28 -8.04 -4.87
N ALA A 226 -8.92 -6.95 -5.53
CA ALA A 226 -8.49 -6.97 -6.92
C ALA A 226 -7.62 -8.19 -7.26
N VAL A 227 -6.76 -8.59 -6.33
CA VAL A 227 -5.87 -9.71 -6.58
C VAL A 227 -6.51 -11.05 -6.26
N VAL A 228 -7.03 -11.19 -5.05
CA VAL A 228 -7.56 -12.48 -4.63
C VAL A 228 -8.85 -12.79 -5.37
N GLU A 229 -9.43 -11.78 -6.01
CA GLU A 229 -10.64 -12.00 -6.79
C GLU A 229 -10.38 -11.84 -8.27
N ASP A 230 -9.09 -11.80 -8.63
CA ASP A 230 -8.64 -11.63 -10.01
C ASP A 230 -9.54 -10.66 -10.78
N THR A 231 -9.81 -9.49 -10.21
CA THR A 231 -10.78 -8.56 -10.79
C THR A 231 -10.25 -7.80 -12.01
N GLY A 232 -8.94 -7.74 -12.16
CA GLY A 232 -8.34 -7.02 -13.27
C GLY A 232 -8.59 -5.53 -13.20
N GLU A 233 -8.79 -5.00 -11.99
CA GLU A 233 -9.00 -3.56 -11.80
C GLU A 233 -7.69 -2.82 -12.00
N ILE A 234 -7.81 -1.53 -12.33
CA ILE A 234 -6.65 -0.66 -12.44
C ILE A 234 -6.60 0.29 -11.26
N ILE A 235 -5.51 0.22 -10.51
CA ILE A 235 -5.40 0.98 -9.29
C ILE A 235 -4.04 1.60 -9.19
N PRO A 236 -3.98 2.89 -8.86
CA PRO A 236 -2.68 3.52 -8.74
C PRO A 236 -1.84 2.73 -7.75
N THR A 237 -0.73 2.16 -8.22
CA THR A 237 0.08 1.27 -7.41
C THR A 237 1.52 1.70 -7.50
N SER A 238 2.25 1.54 -6.40
CA SER A 238 3.68 1.82 -6.40
C SER A 238 4.33 0.63 -7.06
N MET A 239 4.75 0.82 -8.30
CA MET A 239 5.31 -0.26 -9.12
C MET A 239 6.79 -0.04 -9.37
N ILE A 240 7.53 -1.14 -9.47
CA ILE A 240 8.90 -1.10 -9.96
C ILE A 240 8.89 -0.85 -11.47
N LEU A 241 9.45 0.27 -11.90
CA LEU A 241 9.48 0.58 -13.32
C LEU A 241 10.80 0.18 -13.95
N GLN A 242 10.73 -0.32 -15.17
CA GLN A 242 11.91 -0.80 -15.83
C GLN A 242 11.83 -0.43 -17.31
N GLY A 243 11.55 0.85 -17.55
CA GLY A 243 11.43 1.39 -18.89
C GLY A 243 10.24 2.34 -19.01
N GLU A 244 9.15 1.96 -18.36
CA GLU A 244 7.88 2.65 -18.54
C GLU A 244 7.94 4.14 -18.24
N TYR A 245 7.31 4.93 -19.10
CA TYR A 245 7.28 6.39 -18.96
C TYR A 245 8.66 7.05 -18.91
N GLY A 246 9.69 6.30 -19.25
CA GLY A 246 11.04 6.84 -19.27
C GLY A 246 11.75 6.70 -17.95
N ILE A 247 11.20 5.87 -17.07
CA ILE A 247 11.68 5.73 -15.68
C ILE A 247 12.27 4.36 -15.38
N GLU A 248 13.40 4.33 -14.68
CA GLU A 248 14.11 3.06 -14.45
C GLU A 248 14.57 2.90 -13.02
N ASN A 249 14.77 1.65 -12.63
CA ASN A 249 15.34 1.33 -11.32
C ASN A 249 14.78 2.08 -10.09
N VAL A 250 13.47 2.28 -10.04
CA VAL A 250 12.78 2.78 -8.84
C VAL A 250 11.33 2.32 -8.78
N ALA A 251 10.75 2.35 -7.58
CA ALA A 251 9.32 2.12 -7.41
C ALA A 251 8.62 3.45 -7.26
N VAL A 252 7.53 3.63 -8.00
CA VAL A 252 6.77 4.86 -7.91
C VAL A 252 5.35 4.61 -8.39
N GLY A 253 4.41 5.44 -7.92
CA GLY A 253 2.99 5.24 -8.19
C GLY A 253 2.53 5.43 -9.62
N VAL A 254 1.91 4.41 -10.19
CA VAL A 254 1.42 4.44 -11.57
C VAL A 254 0.18 3.55 -11.72
N PRO A 255 -0.69 3.87 -12.70
CA PRO A 255 -1.87 3.02 -12.89
C PRO A 255 -1.44 1.60 -13.15
N ALA A 256 -1.91 0.66 -12.34
CA ALA A 256 -1.55 -0.74 -12.52
C ALA A 256 -2.78 -1.61 -12.55
N LYS A 257 -2.63 -2.78 -13.18
CA LYS A 257 -3.70 -3.75 -13.27
C LYS A 257 -3.43 -4.84 -12.24
N LEU A 258 -4.43 -5.11 -11.42
CA LEU A 258 -4.30 -6.10 -10.37
C LEU A 258 -5.12 -7.33 -10.69
N GLY A 259 -4.65 -8.48 -10.22
CA GLY A 259 -5.29 -9.75 -10.48
C GLY A 259 -4.51 -10.88 -9.84
N LYS A 260 -4.84 -12.12 -10.21
CA LYS A 260 -4.25 -13.29 -9.56
C LYS A 260 -2.74 -13.29 -9.69
N ASN A 261 -2.26 -12.77 -10.82
CA ASN A 261 -0.84 -12.80 -11.11
C ASN A 261 -0.09 -11.61 -10.51
N GLY A 262 -0.81 -10.78 -9.76
CA GLY A 262 -0.21 -9.63 -9.10
C GLY A 262 -0.54 -8.32 -9.78
N ALA A 263 0.49 -7.51 -10.02
CA ALA A 263 0.30 -6.21 -10.66
C ALA A 263 1.17 -6.09 -11.88
N GLU A 264 0.70 -5.31 -12.85
CA GLU A 264 1.48 -5.01 -14.04
C GLU A 264 1.10 -3.61 -14.49
N VAL A 265 2.06 -2.84 -14.97
CA VAL A 265 1.76 -1.47 -15.33
C VAL A 265 0.68 -1.42 -16.41
N ALA A 266 -0.40 -0.68 -16.14
CA ALA A 266 -1.51 -0.56 -17.08
C ALA A 266 -1.10 0.08 -18.39
N ASP A 267 0.01 0.82 -18.34
CA ASP A 267 0.45 1.65 -19.46
C ASP A 267 -0.73 2.44 -20.01
N ILE A 268 -1.19 3.42 -19.22
CA ILE A 268 -2.23 4.34 -19.65
C ILE A 268 -1.55 5.58 -20.17
N LYS A 269 -2.14 6.21 -21.19
CA LYS A 269 -1.55 7.42 -21.73
C LYS A 269 -1.65 8.59 -20.74
N LEU A 270 -0.49 9.14 -20.40
CA LEU A 270 -0.42 10.28 -19.49
C LEU A 270 -0.04 11.53 -20.27
N SER A 271 -0.57 12.67 -19.84
CA SER A 271 -0.20 13.98 -20.35
C SER A 271 1.31 14.11 -20.54
N ASP A 272 1.75 15.04 -21.37
CA ASP A 272 3.18 15.29 -21.43
C ASP A 272 3.61 15.86 -20.07
N GLU A 273 2.87 16.88 -19.61
CA GLU A 273 3.13 17.51 -18.31
C GLU A 273 3.17 16.50 -17.15
N GLU A 274 2.39 15.44 -17.27
CA GLU A 274 2.27 14.45 -16.19
C GLU A 274 3.40 13.43 -16.19
N ILE A 275 4.04 13.24 -17.33
CA ILE A 275 5.17 12.34 -17.36
C ILE A 275 6.38 13.09 -16.81
N GLU A 276 6.30 14.41 -16.84
CA GLU A 276 7.34 15.23 -16.26
C GLU A 276 7.27 14.98 -14.77
N LYS A 277 6.09 15.24 -14.23
CA LYS A 277 5.85 15.13 -12.80
C LYS A 277 6.23 13.73 -12.30
N LEU A 278 5.93 12.71 -13.11
CA LEU A 278 6.29 11.34 -12.81
C LEU A 278 7.81 11.18 -12.71
N ARG A 279 8.52 11.81 -13.65
CA ARG A 279 9.98 11.79 -13.65
C ARG A 279 10.56 12.56 -12.45
N ASN A 280 9.89 13.65 -12.06
CA ASN A 280 10.25 14.35 -10.84
C ASN A 280 10.28 13.41 -9.63
N SER A 281 9.16 12.75 -9.40
CA SER A 281 9.00 11.87 -8.25
C SER A 281 10.03 10.76 -8.25
N ALA A 282 10.34 10.26 -9.43
CA ALA A 282 11.31 9.20 -9.57
C ALA A 282 12.72 9.68 -9.20
N LYS A 283 13.05 10.92 -9.57
CA LYS A 283 14.37 11.44 -9.20
C LYS A 283 14.46 11.54 -7.69
N ILE A 284 13.44 12.13 -7.08
CA ILE A 284 13.40 12.32 -5.64
C ILE A 284 13.54 10.99 -4.94
N LEU A 285 12.71 10.04 -5.37
CA LEU A 285 12.74 8.67 -4.86
C LEU A 285 14.09 8.01 -5.10
N ARG A 286 14.69 8.25 -6.25
CA ARG A 286 15.95 7.61 -6.55
C ARG A 286 17.05 8.10 -5.60
N GLU A 287 17.06 9.40 -5.34
CA GLU A 287 18.03 9.97 -4.41
C GLU A 287 17.89 9.37 -3.02
N ARG A 288 16.64 9.27 -2.54
CA ARG A 288 16.36 8.74 -1.21
C ARG A 288 16.75 7.27 -1.09
N LEU A 289 16.80 6.58 -2.22
CA LEU A 289 17.28 5.20 -2.25
C LEU A 289 18.80 5.15 -2.11
N GLU A 290 19.46 6.09 -2.77
CA GLU A 290 20.92 6.11 -2.76
C GLU A 290 21.42 6.39 -1.36
N GLU A 291 20.78 7.34 -0.70
CA GLU A 291 21.07 7.65 0.69
C GLU A 291 21.08 6.37 1.52
N LEU A 292 20.47 5.32 1.00
CA LEU A 292 20.32 4.05 1.73
C LEU A 292 21.17 2.90 1.18
N GLY A 293 21.80 3.11 0.04
CA GLY A 293 22.65 2.08 -0.52
C GLY A 293 21.92 1.19 -1.50
N TYR A 294 20.88 1.74 -2.11
CA TYR A 294 20.11 1.02 -3.10
C TYR A 294 20.05 1.81 -4.38
N1 ENA B . 9.39 -7.31 12.36
O1 ENA B . 3.10 0.80 15.13
P1 ENA B . 1.97 0.35 14.25
C2 ENA B . 8.05 -7.52 12.39
O2 ENA B . 2.09 1.20 12.91
P2 ENA B . 0.92 1.45 11.88
N3 ENA B . 7.23 -6.59 12.98
O3 ENA B . 0.59 0.50 14.87
C4 ENA B . 8.25 -3.49 14.39
O4 ENA B . 1.65 1.67 10.52
C5 ENA B . 9.13 -5.22 13.45
O5 ENA B . 0.13 2.66 12.29
C6 ENA B . 9.93 -6.18 12.85
N6 ENA B . 11.28 -6.17 12.68
O6 ENA B . 0.03 0.22 11.84
N7 ENA B . 9.42 -4.01 14.00
C8 ENA B . 7.73 -5.43 13.50
C9 ENA B . 11.55 -7.34 12.05
N9 ENA B . 7.21 -4.32 14.11
C0' ENA B . 3.16 3.71 8.71
C1' ENA B . 5.82 -4.02 14.34
C10 ENA B . 10.38 -8.02 11.85
N11 ENA B . 1.51 3.50 6.81
C12 ENA B . 1.43 3.50 5.45
C13 ENA B . 0.35 4.03 4.75
C14 ENA B . -0.71 4.61 5.47
C15 ENA B . -0.62 4.58 6.87
C16 ENA B . 0.48 4.03 7.54
C17 ENA B . 0.38 4.02 3.26
N17 ENA B . 1.45 3.36 2.59
O17 ENA B . -0.34 4.78 2.66
C2' ENA B . 5.26 -3.68 15.67
O2' ENA B . 5.00 -3.49 13.33
C3' ENA B . 3.89 -3.21 15.41
O3' ENA B . 2.97 -4.10 15.88
C4' ENA B . 3.81 -3.06 13.91
O4' ENA B . 5.32 -4.70 16.58
C5' ENA B . 3.47 -1.65 13.48
O5' ENA B . 2.19 -1.18 13.92
C6' ENA B . 2.76 0.94 10.15
O6' ENA B . 2.59 1.67 7.94
C7' ENA B . 3.51 1.45 8.96
O7' ENA B . 5.35 2.89 8.55
C8' ENA B . 4.15 2.77 9.25
O8' ENA B . 3.68 4.93 8.29
C9' ENA B . 2.70 2.98 7.52
S SO4 C . -0.38 8.22 4.93
O1 SO4 C . -1.66 7.69 5.40
O2 SO4 C . 0.41 8.68 6.08
O3 SO4 C . 0.38 7.17 4.28
O4 SO4 C . -0.65 9.32 4.00
#